data_3B6X
#
_entry.id   3B6X
#
_cell.length_a   46.872
_cell.length_b   46.872
_cell.length_c   111.327
_cell.angle_alpha   90.00
_cell.angle_beta   90.00
_cell.angle_gamma   90.00
#
_symmetry.space_group_name_H-M   'P 43'
#
loop_
_entity.id
_entity.type
_entity.pdbx_description
1 polymer 'General odorant-binding protein lush'
2 non-polymer 'ACETATE ION'
3 non-polymer 1-BUTANOL
4 water water
#
_entity_poly.entity_id   1
_entity_poly.type   'polypeptide(L)'
_entity_poly.pdbx_seq_one_letter_code
;HMTMEQFLTSLDMIRSGCAPKFKLKTEDLDRLRVGDFNFPPSQDLMCYTKCVALMAGTVNKKGEFNAPKALAQLPHLVPP
EMMEMSRKSVEACRDTHKQFKESCERVYQTAKCFSENADGQFMWP
;
_entity_poly.pdbx_strand_id   A,B
#
loop_
_chem_comp.id
_chem_comp.type
_chem_comp.name
_chem_comp.formula
1BO non-polymer 1-BUTANOL 'C4 H10 O'
ACT non-polymer 'ACETATE ION' 'C2 H3 O2 -1'
#
# COMPACT_ATOMS: atom_id res chain seq x y z
N HIS A 1 22.02 1.99 5.76
N HIS A 1 22.01 1.99 5.74
CA HIS A 1 20.80 1.23 5.59
CA HIS A 1 20.79 1.21 5.56
C HIS A 1 19.59 2.12 5.83
C HIS A 1 19.57 2.01 6.00
N MET A 2 18.40 1.64 5.47
CA MET A 2 17.17 2.34 5.78
C MET A 2 16.29 1.51 6.68
N THR A 3 15.50 2.19 7.51
CA THR A 3 14.52 1.53 8.36
C THR A 3 13.26 1.28 7.54
N MET A 4 12.32 0.51 8.09
CA MET A 4 11.02 0.34 7.44
C MET A 4 10.28 1.67 7.26
N GLU A 5 10.39 2.55 8.24
N GLU A 5 10.36 2.55 8.25
CA GLU A 5 9.74 3.87 8.23
CA GLU A 5 9.73 3.87 8.18
C GLU A 5 10.29 4.76 7.11
C GLU A 5 10.29 4.72 7.05
N GLN A 6 11.62 4.80 6.98
CA GLN A 6 12.29 5.53 5.90
C GLN A 6 11.94 4.92 4.54
N PHE A 7 11.91 3.59 4.45
CA PHE A 7 11.47 2.93 3.22
C PHE A 7 10.08 3.37 2.74
N LEU A 8 9.08 3.28 3.60
CA LEU A 8 7.71 3.62 3.23
C LEU A 8 7.58 5.06 2.74
N THR A 9 8.28 5.98 3.42
CA THR A 9 8.36 7.37 2.99
C THR A 9 9.14 7.58 1.68
N SER A 10 10.21 6.81 1.48
CA SER A 10 10.99 6.89 0.23
C SER A 10 10.13 6.61 -1.01
N LEU A 11 9.16 5.71 -0.87
CA LEU A 11 8.23 5.40 -1.95
C LEU A 11 7.57 6.66 -2.52
N ASP A 12 7.05 7.52 -1.65
CA ASP A 12 6.48 8.81 -2.09
C ASP A 12 7.51 9.76 -2.68
N MET A 13 8.71 9.81 -2.09
CA MET A 13 9.75 10.69 -2.60
C MET A 13 10.21 10.26 -4.00
N ILE A 14 10.35 8.96 -4.20
CA ILE A 14 10.71 8.43 -5.52
C ILE A 14 9.63 8.74 -6.57
N ARG A 15 8.37 8.46 -6.23
CA ARG A 15 7.23 8.79 -7.09
C ARG A 15 7.25 10.27 -7.52
N SER A 16 7.52 11.17 -6.58
CA SER A 16 7.47 12.61 -6.87
C SER A 16 8.46 13.06 -7.97
N GLY A 17 9.57 12.34 -8.12
CA GLY A 17 10.56 12.64 -9.16
C GLY A 17 10.27 12.02 -10.52
N CYS A 18 9.25 11.16 -10.59
CA CYS A 18 8.91 10.45 -11.83
C CYS A 18 7.50 10.69 -12.38
N ALA A 19 6.51 10.71 -11.49
CA ALA A 19 5.11 10.89 -11.92
C ALA A 19 4.84 12.14 -12.79
N PRO A 20 5.41 13.31 -12.45
CA PRO A 20 5.18 14.54 -13.24
C PRO A 20 5.62 14.48 -14.72
N LYS A 21 6.49 13.53 -15.05
CA LYS A 21 6.95 13.35 -16.43
C LYS A 21 5.91 12.64 -17.32
N PHE A 22 4.85 12.11 -16.70
CA PHE A 22 3.89 11.24 -17.37
C PHE A 22 2.45 11.64 -17.11
N LYS A 23 1.54 11.04 -17.88
CA LYS A 23 0.11 11.19 -17.71
C LYS A 23 -0.34 9.88 -17.07
N LEU A 24 -0.67 9.92 -15.78
CA LEU A 24 -0.94 8.70 -15.02
C LEU A 24 -2.25 8.75 -14.26
N LYS A 25 -2.87 7.59 -14.10
CA LYS A 25 -4.09 7.44 -13.30
C LYS A 25 -3.74 7.10 -11.85
N THR A 26 -4.29 7.86 -10.90
CA THR A 26 -4.03 7.60 -9.47
C THR A 26 -4.35 6.15 -9.07
N GLU A 27 -5.44 5.60 -9.61
N GLU A 27 -5.44 5.61 -9.60
CA GLU A 27 -5.83 4.22 -9.33
CA GLU A 27 -5.83 4.24 -9.35
C GLU A 27 -4.82 3.20 -9.85
C GLU A 27 -4.74 3.27 -9.79
N ASP A 28 -4.13 3.53 -10.94
CA ASP A 28 -3.05 2.68 -11.45
C ASP A 28 -1.87 2.71 -10.50
N LEU A 29 -1.46 3.92 -10.08
CA LEU A 29 -0.35 4.06 -9.12
C LEU A 29 -0.66 3.41 -7.78
N ASP A 30 -1.89 3.58 -7.30
CA ASP A 30 -2.35 2.91 -6.07
C ASP A 30 -2.12 1.39 -6.14
N ARG A 31 -2.51 0.78 -7.26
N ARG A 31 -2.51 0.78 -7.27
CA ARG A 31 -2.38 -0.68 -7.44
CA ARG A 31 -2.37 -0.67 -7.45
C ARG A 31 -0.91 -1.13 -7.50
C ARG A 31 -0.91 -1.11 -7.49
N LEU A 32 -0.08 -0.38 -8.22
CA LEU A 32 1.37 -0.68 -8.28
C LEU A 32 2.01 -0.53 -6.88
N ARG A 33 1.51 0.43 -6.10
CA ARG A 33 2.01 0.69 -4.75
C ARG A 33 1.85 -0.53 -3.83
N VAL A 34 0.81 -1.34 -4.07
CA VAL A 34 0.58 -2.55 -3.28
C VAL A 34 0.96 -3.81 -4.06
N GLY A 35 1.71 -3.61 -5.16
CA GLY A 35 2.27 -4.71 -5.94
C GLY A 35 1.25 -5.46 -6.77
N ASP A 36 0.14 -4.80 -7.09
CA ASP A 36 -0.88 -5.38 -7.93
C ASP A 36 -0.62 -4.90 -9.35
N PHE A 37 0.09 -5.71 -10.13
CA PHE A 37 0.43 -5.41 -11.53
C PHE A 37 -0.55 -6.13 -12.46
N ASN A 38 -1.64 -6.64 -11.90
CA ASN A 38 -2.64 -7.42 -12.64
C ASN A 38 -3.66 -6.59 -13.40
N PHE A 39 -3.17 -5.72 -14.28
CA PHE A 39 -4.02 -4.90 -15.15
C PHE A 39 -3.18 -4.36 -16.31
N PRO A 40 -3.80 -4.12 -17.47
CA PRO A 40 -3.02 -3.65 -18.60
C PRO A 40 -2.45 -2.27 -18.34
N PRO A 41 -1.13 -2.10 -18.52
CA PRO A 41 -0.53 -0.78 -18.36
C PRO A 41 -0.58 0.07 -19.64
N SER A 42 -0.66 1.37 -19.47
CA SER A 42 -0.46 2.30 -20.59
C SER A 42 1.04 2.41 -20.84
N GLN A 43 1.42 2.99 -21.97
CA GLN A 43 2.84 3.26 -22.25
C GLN A 43 3.39 4.18 -21.16
N ASP A 44 2.60 5.19 -20.77
CA ASP A 44 2.99 6.13 -19.72
C ASP A 44 3.34 5.43 -18.40
N LEU A 45 2.47 4.52 -17.98
CA LEU A 45 2.71 3.75 -16.76
C LEU A 45 3.97 2.88 -16.86
N MET A 46 4.17 2.22 -18.00
CA MET A 46 5.40 1.44 -18.20
C MET A 46 6.64 2.32 -18.11
N CYS A 47 6.62 3.46 -18.79
CA CYS A 47 7.76 4.41 -18.76
C CYS A 47 7.97 5.04 -17.39
N TYR A 48 6.87 5.21 -16.64
CA TYR A 48 6.97 5.61 -15.24
C TYR A 48 7.82 4.60 -14.46
N THR A 49 7.56 3.31 -14.64
CA THR A 49 8.36 2.27 -13.97
C THR A 49 9.85 2.34 -14.37
N LYS A 50 10.12 2.69 -15.63
CA LYS A 50 11.51 2.86 -16.08
C LYS A 50 12.18 4.03 -15.37
N CYS A 51 11.44 5.12 -15.23
CA CYS A 51 11.95 6.30 -14.53
C CYS A 51 12.31 5.96 -13.09
N VAL A 52 11.46 5.18 -12.44
CA VAL A 52 11.73 4.71 -11.06
C VAL A 52 13.00 3.85 -10.98
N ALA A 53 13.11 2.86 -11.88
CA ALA A 53 14.25 1.95 -11.91
C ALA A 53 15.54 2.69 -12.27
N LEU A 54 15.45 3.67 -13.18
CA LEU A 54 16.59 4.52 -13.52
C LEU A 54 17.08 5.31 -12.31
N MET A 55 16.14 5.81 -11.51
CA MET A 55 16.53 6.50 -10.29
C MET A 55 17.27 5.55 -9.35
N ALA A 56 16.78 4.31 -9.27
CA ALA A 56 17.36 3.26 -8.43
C ALA A 56 18.73 2.79 -8.90
N GLY A 57 19.06 3.13 -10.15
CA GLY A 57 20.31 2.71 -10.78
C GLY A 57 20.36 1.24 -11.12
N THR A 58 19.20 0.61 -11.26
CA THR A 58 19.12 -0.84 -11.45
C THR A 58 18.93 -1.27 -12.91
N VAL A 59 18.60 -0.30 -13.77
CA VAL A 59 18.54 -0.52 -15.22
C VAL A 59 19.35 0.58 -15.90
N ASN A 60 19.74 0.36 -17.14
CA ASN A 60 20.33 1.43 -17.95
C ASN A 60 19.23 2.12 -18.75
N LYS A 61 19.61 3.09 -19.57
CA LYS A 61 18.60 3.85 -20.32
C LYS A 61 17.93 3.05 -21.44
N LYS A 62 18.51 1.89 -21.76
CA LYS A 62 17.89 0.93 -22.67
C LYS A 62 16.92 -0.01 -21.90
N GLY A 63 16.77 0.20 -20.60
CA GLY A 63 15.88 -0.62 -19.77
C GLY A 63 16.40 -2.01 -19.43
N GLU A 64 17.68 -2.25 -19.72
CA GLU A 64 18.30 -3.55 -19.43
C GLU A 64 18.58 -3.68 -17.93
N PHE A 65 18.00 -4.71 -17.32
CA PHE A 65 18.16 -4.93 -15.88
C PHE A 65 19.56 -5.42 -15.57
N ASN A 66 20.18 -4.77 -14.59
CA ASN A 66 21.56 -5.08 -14.18
C ASN A 66 21.56 -5.76 -12.81
N ALA A 67 21.50 -7.09 -12.83
CA ALA A 67 21.32 -7.90 -11.62
C ALA A 67 22.42 -7.70 -10.58
N PRO A 68 23.70 -7.87 -10.96
CA PRO A 68 24.75 -7.58 -9.98
C PRO A 68 24.71 -6.18 -9.37
N LYS A 69 24.40 -5.15 -10.16
CA LYS A 69 24.29 -3.79 -9.62
C LYS A 69 23.08 -3.61 -8.72
N ALA A 70 21.96 -4.22 -9.11
CA ALA A 70 20.76 -4.24 -8.29
C ALA A 70 21.06 -4.82 -6.91
N LEU A 71 21.77 -5.96 -6.89
CA LEU A 71 22.15 -6.62 -5.65
C LEU A 71 23.03 -5.72 -4.80
N ALA A 72 23.97 -5.03 -5.44
CA ALA A 72 24.82 -4.07 -4.74
C ALA A 72 24.03 -2.88 -4.20
N GLN A 73 22.99 -2.47 -4.94
CA GLN A 73 22.19 -1.32 -4.55
C GLN A 73 21.14 -1.58 -3.47
N LEU A 74 20.74 -2.85 -3.29
CA LEU A 74 19.65 -3.21 -2.37
C LEU A 74 19.64 -2.50 -1.00
N PRO A 75 20.79 -2.44 -0.29
CA PRO A 75 20.82 -1.70 0.98
C PRO A 75 20.44 -0.22 0.88
N HIS A 76 20.56 0.37 -0.31
CA HIS A 76 20.12 1.74 -0.56
C HIS A 76 18.67 1.80 -1.04
N LEU A 77 18.03 0.64 -1.20
CA LEU A 77 16.68 0.58 -1.76
C LEU A 77 15.64 -0.01 -0.82
N VAL A 78 15.99 -1.07 -0.11
CA VAL A 78 15.03 -1.75 0.77
C VAL A 78 15.58 -1.84 2.18
N PRO A 79 14.70 -1.96 3.19
CA PRO A 79 15.16 -2.16 4.56
C PRO A 79 15.57 -3.62 4.80
N PRO A 80 16.36 -3.90 5.85
CA PRO A 80 16.84 -5.27 6.10
C PRO A 80 15.75 -6.34 6.02
N GLU A 81 14.56 -6.01 6.54
CA GLU A 81 13.39 -6.89 6.54
C GLU A 81 12.97 -7.36 5.15
N MET A 82 13.38 -6.63 4.13
CA MET A 82 12.97 -6.94 2.77
C MET A 82 14.11 -7.44 1.88
N MET A 83 15.31 -7.55 2.45
CA MET A 83 16.52 -7.89 1.69
C MET A 83 16.44 -9.24 0.99
N GLU A 84 16.13 -10.28 1.75
CA GLU A 84 16.10 -11.64 1.21
C GLU A 84 15.03 -11.83 0.13
N MET A 85 13.81 -11.34 0.38
CA MET A 85 12.75 -11.34 -0.62
C MET A 85 13.23 -10.68 -1.92
N SER A 86 13.84 -9.51 -1.78
CA SER A 86 14.37 -8.75 -2.92
C SER A 86 15.50 -9.51 -3.63
N ARG A 87 16.43 -10.07 -2.84
CA ARG A 87 17.48 -10.93 -3.40
C ARG A 87 16.89 -12.07 -4.22
N LYS A 88 15.94 -12.79 -3.65
CA LYS A 88 15.21 -13.86 -4.35
C LYS A 88 14.56 -13.39 -5.66
N SER A 89 13.93 -12.21 -5.63
CA SER A 89 13.26 -11.68 -6.82
C SER A 89 14.22 -11.20 -7.91
N VAL A 90 15.34 -10.59 -7.51
CA VAL A 90 16.38 -10.20 -8.46
C VAL A 90 16.85 -11.44 -9.21
N GLU A 91 17.12 -12.53 -8.48
CA GLU A 91 17.56 -13.78 -9.08
C GLU A 91 16.52 -14.36 -10.05
N ALA A 92 15.25 -14.37 -9.64
CA ALA A 92 14.18 -14.93 -10.47
C ALA A 92 13.90 -14.13 -11.73
N CYS A 93 14.10 -12.81 -11.66
CA CYS A 93 13.67 -11.91 -12.72
C CYS A 93 14.82 -11.26 -13.49
N ARG A 94 16.05 -11.71 -13.24
CA ARG A 94 17.23 -11.09 -13.87
C ARG A 94 17.21 -11.13 -15.40
N ASP A 95 16.58 -12.15 -15.97
CA ASP A 95 16.56 -12.34 -17.42
C ASP A 95 15.25 -11.97 -18.09
N THR A 96 14.29 -11.49 -17.30
CA THR A 96 12.98 -11.07 -17.81
C THR A 96 13.10 -10.05 -18.95
N HIS A 97 14.04 -9.12 -18.82
CA HIS A 97 14.23 -8.04 -19.79
C HIS A 97 14.65 -8.50 -21.19
N LYS A 98 15.21 -9.71 -21.29
CA LYS A 98 15.75 -10.22 -22.55
C LYS A 98 14.65 -10.63 -23.53
N GLN A 99 13.42 -10.74 -23.04
CA GLN A 99 12.29 -11.15 -23.86
C GLN A 99 11.64 -9.96 -24.57
N PHE A 100 12.06 -8.76 -24.21
CA PHE A 100 11.47 -7.54 -24.75
C PHE A 100 12.56 -6.64 -25.30
N LYS A 101 12.18 -5.81 -26.28
CA LYS A 101 13.13 -4.98 -27.00
C LYS A 101 13.05 -3.51 -26.60
N GLU A 102 11.84 -3.05 -26.28
CA GLU A 102 11.59 -1.63 -25.98
C GLU A 102 11.88 -1.37 -24.51
N SER A 103 12.56 -0.25 -24.21
CA SER A 103 13.09 0.02 -22.86
C SER A 103 12.04 0.11 -21.74
N CYS A 104 10.95 0.83 -21.98
CA CYS A 104 9.89 0.94 -20.96
C CYS A 104 9.23 -0.41 -20.68
N GLU A 105 8.95 -1.19 -21.72
CA GLU A 105 8.41 -2.53 -21.56
C GLU A 105 9.36 -3.45 -20.78
N ARG A 106 10.66 -3.40 -21.11
CA ARG A 106 11.68 -4.18 -20.40
C ARG A 106 11.61 -4.00 -18.88
N VAL A 107 11.53 -2.74 -18.44
CA VAL A 107 11.52 -2.42 -17.02
C VAL A 107 10.18 -2.82 -16.39
N TYR A 108 9.07 -2.49 -17.06
CA TYR A 108 7.75 -2.80 -16.54
C TYR A 108 7.58 -4.29 -16.34
N GLN A 109 7.98 -5.07 -17.34
CA GLN A 109 7.87 -6.53 -17.25
C GLN A 109 8.73 -7.10 -16.13
N THR A 110 9.90 -6.51 -15.90
CA THR A 110 10.78 -6.96 -14.81
C THR A 110 10.15 -6.62 -13.45
N ALA A 111 9.60 -5.42 -13.32
CA ALA A 111 8.92 -5.00 -12.10
C ALA A 111 7.71 -5.90 -11.80
N LYS A 112 6.96 -6.25 -12.85
CA LYS A 112 5.80 -7.13 -12.72
C LYS A 112 6.26 -8.52 -12.25
N CYS A 113 7.36 -9.01 -12.82
CA CYS A 113 7.99 -10.24 -12.37
C CYS A 113 8.38 -10.20 -10.88
N PHE A 114 8.98 -9.09 -10.44
CA PHE A 114 9.25 -8.87 -9.01
C PHE A 114 7.97 -9.05 -8.19
N SER A 115 6.89 -8.37 -8.59
CA SER A 115 5.63 -8.44 -7.86
C SER A 115 5.07 -9.86 -7.79
N GLU A 116 5.28 -10.62 -8.87
CA GLU A 116 4.74 -11.98 -8.97
C GLU A 116 5.58 -12.99 -8.23
N ASN A 117 6.89 -12.76 -8.19
CA ASN A 117 7.81 -13.66 -7.50
C ASN A 117 8.00 -13.31 -6.02
N ALA A 118 7.57 -12.12 -5.62
CA ALA A 118 7.64 -11.70 -4.22
C ALA A 118 6.90 -12.70 -3.35
N ASP A 119 7.62 -13.27 -2.38
CA ASP A 119 7.04 -14.23 -1.44
C ASP A 119 6.49 -13.52 -0.21
N GLY A 120 6.37 -12.21 -0.31
CA GLY A 120 5.77 -11.36 0.71
C GLY A 120 5.13 -10.15 0.05
N GLN A 121 4.80 -9.14 0.85
CA GLN A 121 4.19 -7.94 0.29
C GLN A 121 5.22 -7.19 -0.56
N PHE A 122 4.81 -6.78 -1.76
CA PHE A 122 5.69 -6.05 -2.67
C PHE A 122 5.11 -4.66 -2.86
N MET A 123 5.96 -3.63 -2.82
CA MET A 123 5.53 -2.24 -2.95
C MET A 123 6.36 -1.49 -4.00
N TRP A 124 5.69 -0.84 -4.93
CA TRP A 124 6.37 -0.04 -5.96
C TRP A 124 6.13 1.43 -5.62
N PRO A 125 7.15 2.30 -5.81
CA PRO A 125 6.97 3.73 -5.56
C PRO A 125 5.85 4.35 -6.40
N HIS B 1 2.69 -5.06 22.07
N HIS B 1 2.71 -5.05 22.10
CA HIS B 1 2.99 -4.10 20.99
CA HIS B 1 2.89 -4.15 20.97
C HIS B 1 3.47 -4.80 19.72
C HIS B 1 3.24 -4.94 19.72
N MET B 2 2.96 -4.36 18.57
CA MET B 2 3.32 -4.96 17.29
C MET B 2 4.43 -4.18 16.63
N THR B 3 5.25 -4.87 15.85
CA THR B 3 6.27 -4.23 15.03
C THR B 3 5.65 -3.77 13.71
N MET B 4 6.38 -2.98 12.94
CA MET B 4 5.92 -2.56 11.62
C MET B 4 5.70 -3.77 10.70
N GLU B 5 6.60 -4.75 10.78
N GLU B 5 6.58 -4.77 10.78
CA GLU B 5 6.50 -6.00 10.04
CA GLU B 5 6.43 -5.98 9.94
C GLU B 5 5.16 -6.69 10.31
C GLU B 5 5.19 -6.81 10.30
N GLN B 6 4.90 -6.94 11.60
CA GLN B 6 3.67 -7.60 12.04
C GLN B 6 2.43 -6.82 11.61
N PHE B 7 2.47 -5.50 11.77
CA PHE B 7 1.41 -4.61 11.29
C PHE B 7 1.07 -4.81 9.81
N LEU B 8 2.08 -4.75 8.93
CA LEU B 8 1.81 -4.85 7.49
C LEU B 8 1.21 -6.20 7.14
N THR B 9 1.69 -7.26 7.79
CA THR B 9 1.10 -8.60 7.63
C THR B 9 -0.31 -8.70 8.22
N SER B 10 -0.54 -8.03 9.35
CA SER B 10 -1.87 -8.05 9.98
C SER B 10 -2.98 -7.54 9.06
N LEU B 11 -2.64 -6.57 8.21
CA LEU B 11 -3.56 -6.01 7.23
C LEU B 11 -4.19 -7.09 6.36
N ASP B 12 -3.37 -7.98 5.81
CA ASP B 12 -3.85 -9.12 5.05
C ASP B 12 -4.68 -10.10 5.88
N MET B 13 -4.22 -10.39 7.09
CA MET B 13 -4.96 -11.29 7.97
C MET B 13 -6.35 -10.74 8.33
N ILE B 14 -6.43 -9.45 8.60
CA ILE B 14 -7.72 -8.81 8.88
C ILE B 14 -8.66 -8.87 7.66
N ARG B 15 -8.14 -8.50 6.49
CA ARG B 15 -8.90 -8.58 5.25
C ARG B 15 -9.48 -9.98 5.02
N SER B 16 -8.68 -11.02 5.26
CA SER B 16 -9.11 -12.40 5.00
C SER B 16 -10.36 -12.82 5.79
N GLY B 17 -10.56 -12.21 6.95
CA GLY B 17 -11.72 -12.49 7.78
C GLY B 17 -12.97 -11.70 7.41
N CYS B 18 -12.81 -10.73 6.50
CA CYS B 18 -13.92 -9.82 6.13
C CYS B 18 -14.30 -9.82 4.66
N ALA B 19 -13.32 -9.84 3.76
CA ALA B 19 -13.60 -9.81 2.33
C ALA B 19 -14.56 -10.91 1.80
N PRO B 20 -14.42 -12.17 2.29
CA PRO B 20 -15.33 -13.25 1.83
C PRO B 20 -16.82 -13.04 2.14
N LYS B 21 -17.14 -12.13 3.06
CA LYS B 21 -18.53 -11.82 3.37
C LYS B 21 -19.20 -10.91 2.33
N PHE B 22 -18.40 -10.33 1.44
CA PHE B 22 -18.86 -9.29 0.50
C PHE B 22 -18.50 -9.57 -0.95
N LYS B 23 -19.12 -8.83 -1.86
CA LYS B 23 -18.75 -8.81 -3.28
C LYS B 23 -17.93 -7.55 -3.46
N LEU B 24 -16.62 -7.71 -3.67
CA LEU B 24 -15.70 -6.57 -3.67
C LEU B 24 -14.82 -6.57 -4.90
N LYS B 25 -14.43 -5.36 -5.32
CA LYS B 25 -13.47 -5.21 -6.42
C LYS B 25 -12.06 -5.07 -5.88
N THR B 26 -11.13 -5.83 -6.44
CA THR B 26 -9.73 -5.81 -5.97
C THR B 26 -9.12 -4.41 -6.05
N GLU B 27 -9.45 -3.69 -7.13
N GLU B 27 -9.47 -3.67 -7.12
CA GLU B 27 -9.00 -2.33 -7.31
CA GLU B 27 -8.97 -2.31 -7.31
C GLU B 27 -9.44 -1.44 -6.15
C GLU B 27 -9.52 -1.32 -6.28
N ASP B 28 -10.70 -1.63 -5.72
CA ASP B 28 -11.25 -0.84 -4.60
C ASP B 28 -10.45 -1.14 -3.33
N LEU B 29 -10.19 -2.43 -3.06
CA LEU B 29 -9.40 -2.82 -1.88
C LEU B 29 -7.96 -2.31 -1.93
N ASP B 30 -7.33 -2.41 -3.11
CA ASP B 30 -6.00 -1.82 -3.33
C ASP B 30 -5.94 -0.33 -2.95
N ARG B 31 -6.94 0.45 -3.37
N ARG B 31 -6.95 0.44 -3.37
CA ARG B 31 -6.99 1.88 -3.04
CA ARG B 31 -7.04 1.87 -3.06
C ARG B 31 -7.15 2.14 -1.54
C ARG B 31 -7.16 2.13 -1.56
N LEU B 32 -8.08 1.45 -0.89
CA LEU B 32 -8.24 1.58 0.56
C LEU B 32 -6.96 1.19 1.30
N ARG B 33 -6.25 0.18 0.78
CA ARG B 33 -5.00 -0.31 1.38
C ARG B 33 -3.95 0.80 1.49
N VAL B 34 -3.97 1.76 0.57
CA VAL B 34 -3.02 2.87 0.60
C VAL B 34 -3.68 4.17 1.07
N GLY B 35 -4.88 4.04 1.64
CA GLY B 35 -5.60 5.18 2.24
C GLY B 35 -6.22 6.10 1.21
N ASP B 36 -6.44 5.58 0.01
CA ASP B 36 -7.10 6.34 -1.03
C ASP B 36 -8.60 6.01 -1.02
N PHE B 37 -9.35 6.87 -0.33
CA PHE B 37 -10.80 6.72 -0.17
C PHE B 37 -11.54 7.66 -1.13
N ASN B 38 -10.78 8.21 -2.09
CA ASN B 38 -11.30 9.23 -3.02
C ASN B 38 -12.03 8.66 -4.20
N PHE B 39 -13.06 7.86 -3.93
CA PHE B 39 -13.89 7.25 -4.98
C PHE B 39 -15.18 6.75 -4.34
N PRO B 40 -16.27 6.68 -5.12
CA PRO B 40 -17.57 6.29 -4.55
C PRO B 40 -17.58 4.84 -4.13
N PRO B 41 -17.88 4.57 -2.84
CA PRO B 41 -17.94 3.18 -2.40
C PRO B 41 -19.29 2.52 -2.68
N SER B 42 -19.27 1.22 -2.96
CA SER B 42 -20.47 0.41 -2.99
C SER B 42 -20.93 0.17 -1.55
N GLN B 43 -22.16 -0.29 -1.37
CA GLN B 43 -22.64 -0.67 -0.04
C GLN B 43 -21.75 -1.78 0.51
N ASP B 44 -21.37 -2.73 -0.36
CA ASP B 44 -20.50 -3.85 0.03
C ASP B 44 -19.19 -3.35 0.61
N LEU B 45 -18.54 -2.42 -0.08
CA LEU B 45 -17.29 -1.84 0.39
C LEU B 45 -17.44 -1.15 1.75
N MET B 46 -18.51 -0.39 1.94
CA MET B 46 -18.77 0.28 3.23
C MET B 46 -18.98 -0.74 4.36
N CYS B 47 -19.76 -1.78 4.11
CA CYS B 47 -19.97 -2.83 5.10
C CYS B 47 -18.72 -3.66 5.37
N TYR B 48 -17.86 -3.77 4.36
CA TYR B 48 -16.54 -4.37 4.55
C TYR B 48 -15.73 -3.57 5.58
N THR B 49 -15.75 -2.24 5.48
CA THR B 49 -15.03 -1.40 6.45
C THR B 49 -15.61 -1.58 7.85
N LYS B 50 -16.93 -1.74 7.94
CA LYS B 50 -17.59 -2.05 9.22
C LYS B 50 -17.09 -3.38 9.80
N CYS B 51 -16.99 -4.40 8.96
CA CYS B 51 -16.50 -5.71 9.39
C CYS B 51 -15.10 -5.60 9.97
N VAL B 52 -14.25 -4.82 9.29
CA VAL B 52 -12.88 -4.55 9.75
C VAL B 52 -12.85 -3.85 11.13
N ALA B 53 -13.63 -2.78 11.27
CA ALA B 53 -13.70 -2.03 12.53
C ALA B 53 -14.31 -2.85 13.67
N LEU B 54 -15.27 -3.72 13.33
CA LEU B 54 -15.84 -4.64 14.31
C LEU B 54 -14.80 -5.64 14.81
N MET B 55 -13.94 -6.11 13.92
CA MET B 55 -12.88 -7.01 14.33
C MET B 55 -11.94 -6.31 15.31
N ALA B 56 -11.63 -5.05 15.02
CA ALA B 56 -10.75 -4.22 15.84
C ALA B 56 -11.37 -3.81 17.17
N GLY B 57 -12.69 -3.94 17.26
CA GLY B 57 -13.46 -3.62 18.45
C GLY B 57 -13.66 -2.13 18.67
N THR B 58 -13.51 -1.35 17.60
CA THR B 58 -13.53 0.11 17.73
C THR B 58 -14.91 0.72 17.46
N VAL B 59 -15.82 -0.09 16.93
CA VAL B 59 -17.22 0.30 16.73
C VAL B 59 -18.12 -0.78 17.30
N ASN B 60 -19.37 -0.44 17.58
CA ASN B 60 -20.39 -1.43 17.93
C ASN B 60 -21.10 -1.89 16.65
N LYS B 61 -22.07 -2.78 16.80
CA LYS B 61 -22.77 -3.32 15.62
C LYS B 61 -23.69 -2.31 14.93
N LYS B 62 -23.98 -1.21 15.61
CA LYS B 62 -24.68 -0.07 15.02
C LYS B 62 -23.74 0.91 14.30
N GLY B 63 -22.44 0.59 14.27
CA GLY B 63 -21.44 1.40 13.56
C GLY B 63 -21.01 2.66 14.30
N GLU B 64 -21.32 2.73 15.59
CA GLU B 64 -20.97 3.88 16.40
C GLU B 64 -19.53 3.75 16.89
N PHE B 65 -18.71 4.73 16.53
CA PHE B 65 -17.30 4.76 16.89
C PHE B 65 -17.15 5.03 18.38
N ASN B 66 -16.32 4.21 19.02
CA ASN B 66 -16.06 4.33 20.44
C ASN B 66 -14.65 4.87 20.64
N ALA B 67 -14.53 6.19 20.78
CA ALA B 67 -13.23 6.86 20.84
C ALA B 67 -12.35 6.43 22.04
N PRO B 68 -12.87 6.48 23.27
CA PRO B 68 -12.11 5.89 24.39
C PRO B 68 -11.63 4.45 24.17
N LYS B 69 -12.47 3.59 23.61
CA LYS B 69 -12.08 2.20 23.36
C LYS B 69 -11.06 2.09 22.23
N ALA B 70 -11.23 2.92 21.21
CA ALA B 70 -10.26 3.01 20.13
C ALA B 70 -8.85 3.33 20.67
N LEU B 71 -8.76 4.33 21.54
CA LEU B 71 -7.48 4.73 22.13
C LEU B 71 -6.85 3.61 22.98
N ALA B 72 -7.69 2.92 23.75
CA ALA B 72 -7.25 1.76 24.52
C ALA B 72 -6.74 0.62 23.62
N GLN B 73 -7.36 0.48 22.45
CA GLN B 73 -7.03 -0.62 21.54
C GLN B 73 -5.82 -0.38 20.63
N LEU B 74 -5.43 0.88 20.47
CA LEU B 74 -4.34 1.24 19.53
C LEU B 74 -3.07 0.36 19.57
N PRO B 75 -2.52 0.05 20.76
CA PRO B 75 -1.35 -0.86 20.81
C PRO B 75 -1.56 -2.25 20.18
N HIS B 76 -2.79 -2.75 20.18
CA HIS B 76 -3.12 -4.00 19.50
C HIS B 76 -3.43 -3.82 18.00
N LEU B 77 -3.44 -2.57 17.54
CA LEU B 77 -3.81 -2.29 16.15
C LEU B 77 -2.68 -1.72 15.30
N VAL B 78 -1.94 -0.77 15.86
CA VAL B 78 -0.87 -0.10 15.12
C VAL B 78 0.47 -0.24 15.84
N PRO B 79 1.58 -0.18 15.08
CA PRO B 79 2.90 -0.19 15.71
C PRO B 79 3.25 1.18 16.33
N PRO B 80 4.19 1.23 17.29
CA PRO B 80 4.55 2.49 17.94
C PRO B 80 4.70 3.67 16.98
N GLU B 81 5.31 3.42 15.82
CA GLU B 81 5.56 4.44 14.79
C GLU B 81 4.30 5.15 14.30
N MET B 82 3.14 4.52 14.49
CA MET B 82 1.88 5.04 13.97
C MET B 82 0.91 5.52 15.06
N MET B 83 1.30 5.37 16.32
CA MET B 83 0.43 5.71 17.46
C MET B 83 -0.06 7.14 17.44
N GLU B 84 0.86 8.10 17.33
CA GLU B 84 0.51 9.51 17.42
C GLU B 84 -0.39 9.97 16.28
N MET B 85 -0.05 9.57 15.05
CA MET B 85 -0.92 9.82 13.90
C MET B 85 -2.33 9.29 14.17
N SER B 86 -2.41 8.06 14.63
CA SER B 86 -3.69 7.40 14.93
C SER B 86 -4.44 8.10 16.06
N ARG B 87 -3.75 8.42 17.16
CA ARG B 87 -4.34 9.20 18.27
C ARG B 87 -4.98 10.50 17.77
N LYS B 88 -4.22 11.26 16.98
CA LYS B 88 -4.70 12.49 16.34
C LYS B 88 -5.96 12.27 15.49
N SER B 89 -5.94 11.19 14.69
CA SER B 89 -7.07 10.88 13.81
C SER B 89 -8.31 10.41 14.57
N VAL B 90 -8.10 9.66 15.65
CA VAL B 90 -9.21 9.29 16.54
C VAL B 90 -9.92 10.54 17.06
N GLU B 91 -9.14 11.50 17.54
CA GLU B 91 -9.67 12.76 18.07
C GLU B 91 -10.36 13.62 17.02
N ALA B 92 -9.77 13.72 15.83
CA ALA B 92 -10.37 14.49 14.75
C ALA B 92 -11.66 13.87 14.21
N CYS B 93 -11.76 12.54 14.29
CA CYS B 93 -12.86 11.82 13.62
C CYS B 93 -13.84 11.14 14.58
N ARG B 94 -13.73 11.43 15.88
CA ARG B 94 -14.56 10.76 16.89
C ARG B 94 -16.06 10.99 16.72
N ASP B 95 -16.42 12.13 16.15
CA ASP B 95 -17.82 12.51 16.00
C ASP B 95 -18.35 12.35 14.57
N THR B 96 -17.49 11.90 13.65
CA THR B 96 -17.90 11.70 12.26
C THR B 96 -19.17 10.85 12.16
N HIS B 97 -19.26 9.80 12.96
CA HIS B 97 -20.37 8.84 12.88
C HIS B 97 -21.74 9.45 13.21
N LYS B 98 -21.74 10.54 13.98
CA LYS B 98 -22.97 11.21 14.42
C LYS B 98 -23.75 11.87 13.27
N GLN B 99 -23.07 12.08 12.14
CA GLN B 99 -23.70 12.68 10.97
C GLN B 99 -24.47 11.68 10.11
N PHE B 100 -24.34 10.40 10.42
CA PHE B 100 -24.95 9.33 9.63
C PHE B 100 -25.72 8.37 10.51
N LYS B 101 -26.69 7.68 9.92
CA LYS B 101 -27.58 6.82 10.70
C LYS B 101 -27.39 5.33 10.43
N GLU B 102 -27.01 4.97 9.21
CA GLU B 102 -26.84 3.58 8.81
C GLU B 102 -25.43 3.10 9.23
N SER B 103 -25.36 1.92 9.83
CA SER B 103 -24.12 1.40 10.46
C SER B 103 -22.90 1.29 9.53
N CYS B 104 -23.08 0.77 8.33
CA CYS B 104 -21.98 0.65 7.38
C CYS B 104 -21.47 2.01 6.92
N GLU B 105 -22.39 2.93 6.64
CA GLU B 105 -22.02 4.30 6.29
C GLU B 105 -21.27 5.00 7.43
N ARG B 106 -21.77 4.84 8.67
CA ARG B 106 -21.11 5.41 9.85
C ARG B 106 -19.62 5.04 9.91
N VAL B 107 -19.32 3.75 9.72
CA VAL B 107 -17.94 3.26 9.80
C VAL B 107 -17.10 3.73 8.61
N TYR B 108 -17.64 3.56 7.41
CA TYR B 108 -16.94 3.97 6.21
C TYR B 108 -16.56 5.45 6.26
N GLN B 109 -17.50 6.30 6.66
CA GLN B 109 -17.25 7.73 6.71
C GLN B 109 -16.18 8.08 7.75
N THR B 110 -16.12 7.29 8.83
CA THR B 110 -15.12 7.51 9.87
C THR B 110 -13.72 7.09 9.37
N ALA B 111 -13.63 5.93 8.71
CA ALA B 111 -12.38 5.46 8.11
C ALA B 111 -11.88 6.45 7.04
N LYS B 112 -12.80 6.99 6.25
CA LYS B 112 -12.45 8.00 5.26
C LYS B 112 -11.91 9.27 5.96
N CYS B 113 -12.55 9.65 7.06
CA CYS B 113 -12.06 10.76 7.89
C CYS B 113 -10.63 10.49 8.40
N PHE B 114 -10.40 9.29 8.91
CA PHE B 114 -9.06 8.85 9.30
C PHE B 114 -8.07 9.07 8.14
N SER B 115 -8.42 8.57 6.96
CA SER B 115 -7.53 8.67 5.79
C SER B 115 -7.19 10.13 5.43
N GLU B 116 -8.18 11.01 5.54
CA GLU B 116 -8.02 12.42 5.17
C GLU B 116 -7.29 13.22 6.25
N ASN B 117 -7.42 12.79 7.50
CA ASN B 117 -6.76 13.43 8.63
C ASN B 117 -5.37 12.89 8.93
N ALA B 118 -5.03 11.76 8.32
CA ALA B 118 -3.71 11.16 8.50
C ALA B 118 -2.65 12.14 8.02
N ASP B 119 -1.75 12.51 8.93
CA ASP B 119 -0.64 13.41 8.59
C ASP B 119 0.58 12.61 8.10
N GLY B 120 0.34 11.31 7.88
CA GLY B 120 1.29 10.42 7.23
C GLY B 120 0.55 9.41 6.36
N GLN B 121 1.26 8.37 5.94
CA GLN B 121 0.65 7.31 5.15
C GLN B 121 -0.40 6.57 5.98
N PHE B 122 -1.57 6.35 5.38
CA PHE B 122 -2.65 5.65 6.09
C PHE B 122 -2.91 4.36 5.34
N MET B 123 -3.07 3.27 6.09
CA MET B 123 -3.31 1.96 5.49
C MET B 123 -4.54 1.28 6.08
N TRP B 124 -5.44 0.82 5.22
CA TRP B 124 -6.65 0.10 5.66
C TRP B 124 -6.48 -1.35 5.26
N PRO B 125 -6.86 -2.29 6.15
CA PRO B 125 -6.78 -3.70 5.82
C PRO B 125 -7.54 -4.09 4.55
C ACT C . 9.69 -3.92 -2.56
O ACT C . 8.61 -4.21 -2.00
OXT ACT C . 9.78 -2.75 -3.00
CH3 ACT C . 10.83 -4.90 -2.68
C1 1BO D . 13.61 -3.41 -13.63
C2 1BO D . 13.12 -3.23 -12.21
C3 1BO D . 14.21 -2.57 -11.37
C4 1BO D . 13.63 -2.00 -10.09
OH 1BO D . 14.57 -1.18 -9.42
C ACT E . 0.51 3.42 1.56
O ACT E . 0.18 4.14 2.55
CH3 ACT E . 1.97 2.98 1.39
C ACT F . 0.59 -3.33 1.60
O ACT F . -0.38 -4.00 1.23
OXT ACT F . 0.85 -3.36 2.83
CH3 ACT F . 1.42 -2.54 0.63
C ACT G . -3.18 3.02 9.83
O ACT G . -2.50 3.41 8.85
OXT ACT G . -3.86 1.99 9.67
CH3 ACT G . -3.19 3.78 11.13
C ACT H . -8.56 -1.55 11.70
O ACT H . -7.92 -2.61 11.86
OXT ACT H . -9.69 -1.51 12.24
CH3 ACT H . -8.01 -0.39 10.91
C1 1BO I . -13.43 3.62 11.24
C2 1BO I . -13.87 3.09 12.58
C3 1BO I . -12.71 2.51 13.40
C4 1BO I . -11.67 1.76 12.58
OH 1BO I . -10.95 0.84 13.41
#